data_1YFH
#
_entry.id   1YFH
#
_cell.length_a   58.150
_cell.length_b   102.710
_cell.length_c   87.940
_cell.angle_alpha   90.00
_cell.angle_beta   106.77
_cell.angle_gamma   90.00
#
_symmetry.space_group_name_H-M   'P 1 21 1'
#
loop_
_entity.id
_entity.type
_entity.pdbx_description
1 polymer "5'-D(*GP*TP*GP*GP*AP*TP*GP*(XCY)P*GP*TP*GP*TP*AP*GP*GP*T)-3'"
2 polymer "5'-D(*CP*CP*TP*AP*CP*AP*CP*AP*CP*AP*TP*CP*CP*AP*CP*A)-3'"
3 polymer 'Methylated-DNA--protein-cysteine methyltransferase'
4 non-polymer 'ZINC ION'
5 water water
#
loop_
_entity_poly.entity_id
_entity_poly.type
_entity_poly.pdbx_seq_one_letter_code
_entity_poly.pdbx_strand_id
1 'polydeoxyribonucleotide' (DG)(DT)(DG)(DG)(DA)(DT)(DG)(XCY)(DG)(DT)(DG)(DT)(DA)(DG)(DG)(DT) D,F
2 'polydeoxyribonucleotide' (DC)(DC)(DT)(DA)(DC)(DA)(DC)(DA)(DC)(DA)(DT)(DC)(DC)(DA)(DC)(DA) E,G
3 'polypeptide(L)'
;MDKDCEMKRTTLDSPLGKLELSGCEQGLHEIKLLGKGTSAADAVEVPAPAAVLGGPEPLMQCTAWLNAYFHQPEAIEEFP
VPALHHPVFQQESFTRQVLWKLLKVVKFGEVISYQQLAALAGNPKAARAVGGAMRGNPVPILIPCHRVVCSSGAVGNYSG
GLAVKEWLLAHEGHRLGKP
;
A,B,C
#
loop_
_chem_comp.id
_chem_comp.type
_chem_comp.name
_chem_comp.formula
DA DNA linking 2'-DEOXYADENOSINE-5'-MONOPHOSPHATE 'C10 H14 N5 O6 P'
DC DNA linking 2'-DEOXYCYTIDINE-5'-MONOPHOSPHATE 'C9 H14 N3 O7 P'
DG DNA linking 2'-DEOXYGUANOSINE-5'-MONOPHOSPHATE 'C10 H14 N5 O7 P'
DT DNA linking THYMIDINE-5'-MONOPHOSPHATE 'C10 H15 N2 O8 P'
XCY DNA linking '{5-[4-{[4-(AMINOMETHYL)BENZYL]AMINO}-2-OXOPYRIMIDIN-1(2H)- YL]-3-HYDROXYTETRAHYDROFURAN-2-YL}METHYL DIHYDROGEN PHOSPHATE' 'C17 H23 N4 O7 P'
ZN non-polymer 'ZINC ION' 'Zn 2'
#
# COMPACT_ATOMS: atom_id res chain seq x y z
P XCY A 8 -8.73 14.01 -6.03
OP2 XCY A 8 -8.78 13.64 -4.60
O5' XCY A 8 -7.26 13.79 -6.59
N1 XCY A 8 -4.95 11.83 -9.19
C6 XCY A 8 -6.04 11.18 -8.68
C2 XCY A 8 -4.19 11.23 -10.22
O2 XCY A 8 -3.20 11.84 -10.66
N3 XCY A 8 -4.55 10.01 -10.69
C4 XCY A 8 -5.62 9.39 -10.19
N4 XCY A 8 -5.96 8.19 -10.69
C5 XCY A 8 -6.40 9.97 -9.14
NZ XCY A 8 -9.06 1.67 -11.71
CB XCY A 8 -9.25 2.83 -12.66
CG XCY A 8 -8.29 3.98 -12.45
CD1 XCY A 8 -7.10 3.84 -11.68
CE1 XCY A 8 -6.20 4.95 -11.50
CD2 XCY A 8 -8.56 5.26 -13.05
CE2 XCY A 8 -7.66 6.36 -12.86
CZ XCY A 8 -6.48 6.23 -12.09
CH XCY A 8 -5.55 7.42 -11.87
C2' XCY A 8 -5.51 14.28 -9.00
C5' XCY A 8 -6.11 14.11 -5.80
C4' XCY A 8 -4.92 14.33 -6.69
O4' XCY A 8 -4.52 13.07 -7.27
C1' XCY A 8 -4.55 13.15 -8.68
C3' XCY A 8 -5.22 15.25 -7.87
O3' XCY A 8 -4.07 16.06 -8.14
OP1 XCY A 8 -9.67 13.37 -6.98
P XCY C 8 9.35 -9.61 13.09
OP2 XCY C 8 8.44 -8.47 13.43
O5' XCY C 8 9.13 -10.05 11.58
N1 XCY C 8 10.75 -10.36 7.93
C6 XCY C 8 11.17 -9.35 8.74
C2 XCY C 8 11.40 -10.61 6.71
O2 XCY C 8 10.99 -11.54 6.00
N3 XCY C 8 12.44 -9.83 6.35
C4 XCY C 8 12.84 -8.84 7.15
N4 XCY C 8 13.89 -8.08 6.77
C5 XCY C 8 12.21 -8.56 8.39
NZ XCY C 8 18.87 -2.82 6.20
CB XCY C 8 19.23 -4.23 6.56
CG XCY C 8 18.13 -5.24 6.32
CD1 XCY C 8 17.00 -4.91 5.50
CE1 XCY C 8 15.96 -5.88 5.30
CD2 XCY C 8 18.19 -6.53 6.91
CE2 XCY C 8 17.14 -7.49 6.69
CZ XCY C 8 16.01 -7.18 5.89
CH XCY C 8 14.90 -8.20 5.70
C2' XCY C 8 9.88 -12.13 9.52
C5' XCY C 8 7.82 -10.09 11.01
C4' XCY C 8 7.81 -10.99 9.80
O4' XCY C 8 8.55 -10.38 8.72
C1' XCY C 8 9.61 -11.23 8.33
C3' XCY C 8 8.47 -12.35 10.05
O3' XCY C 8 7.78 -13.35 9.30
OP1 XCY C 8 10.80 -9.48 13.30
N CYS E 5 41.87 -7.81 9.23
CA CYS E 5 40.38 -7.80 9.37
C CYS E 5 39.92 -6.42 9.82
N GLU E 6 40.38 -5.40 9.10
CA GLU E 6 40.02 -4.01 9.38
C GLU E 6 38.80 -3.66 8.54
N MET E 7 37.73 -3.22 9.18
CA MET E 7 36.54 -2.87 8.44
C MET E 7 36.78 -1.60 7.66
N LYS E 8 36.54 -1.70 6.36
CA LYS E 8 36.64 -0.56 5.46
C LYS E 8 35.21 -0.45 4.99
N ARG E 9 34.74 0.77 4.76
CA ARG E 9 33.38 0.94 4.32
C ARG E 9 33.26 1.90 3.15
N THR E 10 32.22 1.71 2.36
CA THR E 10 32.01 2.51 1.17
C THR E 10 30.53 2.65 0.95
N THR E 11 30.11 3.79 0.42
CA THR E 11 28.71 4.00 0.17
C THR E 11 28.47 4.17 -1.32
N LEU E 12 27.45 3.48 -1.81
CA LEU E 12 27.04 3.48 -3.21
C LEU E 12 25.64 4.02 -3.41
N ASP E 13 25.47 4.90 -4.39
CA ASP E 13 24.15 5.45 -4.66
C ASP E 13 23.30 4.47 -5.44
N SER E 14 22.07 4.30 -5.00
CA SER E 14 21.18 3.36 -5.65
C SER E 14 19.73 3.87 -5.73
N PRO E 15 18.90 3.20 -6.54
CA PRO E 15 17.50 3.59 -6.69
C PRO E 15 16.79 3.63 -5.33
N LEU E 16 17.31 2.86 -4.37
CA LEU E 16 16.75 2.81 -3.02
C LEU E 16 17.31 3.91 -2.14
N GLY E 17 18.39 4.53 -2.59
CA GLY E 17 18.99 5.59 -1.83
C GLY E 17 20.48 5.38 -1.68
N LYS E 18 20.98 5.49 -0.45
CA LYS E 18 22.38 5.30 -0.20
C LYS E 18 22.69 4.02 0.55
N LEU E 19 23.35 3.11 -0.15
CA LEU E 19 23.74 1.84 0.40
C LEU E 19 25.15 1.98 0.96
N GLU E 20 25.36 1.49 2.18
CA GLU E 20 26.67 1.57 2.79
C GLU E 20 27.24 0.17 2.89
N LEU E 21 28.24 -0.09 2.06
CA LEU E 21 28.89 -1.38 2.02
C LEU E 21 30.07 -1.44 2.98
N SER E 22 30.08 -2.43 3.86
CA SER E 22 31.15 -2.57 4.83
C SER E 22 31.59 -4.02 4.98
N GLY E 23 32.89 -4.22 4.86
CA GLY E 23 33.47 -5.55 4.98
C GLY E 23 34.98 -5.44 5.14
N CYS E 24 35.62 -6.60 5.31
CA CYS E 24 37.06 -6.65 5.48
C CYS E 24 37.65 -7.14 4.19
N GLU E 25 38.79 -7.81 4.26
CA GLU E 25 39.42 -8.33 3.07
C GLU E 25 39.04 -9.78 2.92
N GLN E 26 38.48 -10.34 3.96
CA GLN E 26 38.07 -11.74 3.88
C GLN E 26 36.62 -11.84 3.41
N GLY E 27 36.04 -10.69 3.07
CA GLY E 27 34.70 -10.70 2.58
C GLY E 27 33.83 -9.57 3.06
N LEU E 28 32.66 -9.48 2.43
CA LEU E 28 31.67 -8.45 2.76
C LEU E 28 31.02 -8.78 4.10
N HIS E 29 30.95 -7.75 4.95
CA HIS E 29 30.37 -7.93 6.26
C HIS E 29 28.91 -7.56 6.26
N GLU E 30 28.55 -6.50 5.53
CA GLU E 30 27.17 -6.06 5.52
C GLU E 30 26.76 -4.97 4.53
N ILE E 31 25.55 -5.11 3.99
CA ILE E 31 24.97 -4.13 3.07
C ILE E 31 23.90 -3.45 3.93
N LYS E 32 23.99 -2.12 4.03
CA LYS E 32 23.06 -1.37 4.86
C LYS E 32 22.55 -0.12 4.15
N LEU E 33 21.23 0.08 4.18
CA LEU E 33 20.62 1.24 3.53
C LEU E 33 20.43 2.38 4.51
N LEU E 34 21.04 3.52 4.21
CA LEU E 34 20.98 4.69 5.09
C LEU E 34 19.71 5.52 4.89
N GLY E 35 19.30 5.58 3.64
CA GLY E 35 18.14 6.36 3.27
C GLY E 35 18.44 7.04 1.95
N VAL E 46 32.46 2.94 16.94
CA VAL E 46 33.48 3.64 16.15
C VAL E 46 33.33 3.32 14.66
N PRO E 47 33.01 4.33 13.83
CA PRO E 47 32.85 4.07 12.38
C PRO E 47 34.06 3.34 11.78
N ALA E 48 33.86 2.75 10.61
CA ALA E 48 34.96 2.06 9.91
C ALA E 48 35.52 3.04 8.90
N PRO E 49 36.84 3.02 8.72
CA PRO E 49 37.54 3.89 7.78
C PRO E 49 37.02 3.76 6.34
N ALA E 50 36.75 4.91 5.73
CA ALA E 50 36.24 4.96 4.36
C ALA E 50 37.24 4.35 3.38
N ALA E 51 36.79 3.34 2.62
CA ALA E 51 37.63 2.66 1.63
C ALA E 51 37.95 3.57 0.47
N VAL E 52 39.02 3.24 -0.27
CA VAL E 52 39.44 4.03 -1.42
C VAL E 52 39.82 3.12 -2.59
N LEU E 53 39.54 3.58 -3.80
CA LEU E 53 39.78 2.82 -5.04
C LEU E 53 38.88 1.60 -4.99
N GLY E 54 37.77 1.72 -4.26
CA GLY E 54 36.85 0.62 -4.15
C GLY E 54 37.27 -0.40 -3.12
N GLY E 55 38.09 0.01 -2.16
CA GLY E 55 38.54 -0.87 -1.08
C GLY E 55 38.84 -2.31 -1.41
N PRO E 56 38.82 -3.20 -0.42
CA PRO E 56 39.11 -4.63 -0.58
C PRO E 56 38.43 -5.22 -1.80
N GLU E 57 38.88 -6.42 -2.19
CA GLU E 57 38.30 -7.08 -3.35
C GLU E 57 36.79 -7.24 -3.23
N PRO E 58 36.31 -7.76 -2.09
CA PRO E 58 34.88 -7.95 -1.91
C PRO E 58 34.01 -6.71 -2.00
N LEU E 59 34.53 -5.56 -1.61
CA LEU E 59 33.72 -4.36 -1.67
C LEU E 59 33.51 -3.92 -3.10
N MET E 60 34.55 -4.11 -3.90
CA MET E 60 34.48 -3.76 -5.31
C MET E 60 33.47 -4.72 -5.94
N GLN E 61 33.71 -6.01 -5.76
CA GLN E 61 32.82 -7.01 -6.30
C GLN E 61 31.37 -6.70 -5.96
N CYS E 62 31.13 -6.44 -4.69
CA CYS E 62 29.79 -6.13 -4.24
C CYS E 62 29.28 -4.86 -4.90
N THR E 63 30.11 -3.83 -4.98
CA THR E 63 29.66 -2.60 -5.60
C THR E 63 29.26 -2.89 -7.04
N ALA E 64 30.11 -3.62 -7.76
CA ALA E 64 29.83 -3.95 -9.14
C ALA E 64 28.50 -4.69 -9.21
N TRP E 65 28.39 -5.75 -8.42
CA TRP E 65 27.19 -6.60 -8.34
C TRP E 65 25.93 -5.78 -8.13
N LEU E 66 25.92 -4.97 -7.10
CA LEU E 66 24.77 -4.13 -6.81
C LEU E 66 24.40 -3.24 -7.98
N ASN E 67 25.39 -2.68 -8.66
CA ASN E 67 25.10 -1.83 -9.79
C ASN E 67 24.45 -2.61 -10.93
N ALA E 68 24.92 -3.83 -11.13
CA ALA E 68 24.38 -4.71 -12.16
C ALA E 68 22.93 -4.99 -11.83
N TYR E 69 22.69 -5.39 -10.58
CA TYR E 69 21.34 -5.69 -10.10
C TYR E 69 20.37 -4.57 -10.43
N PHE E 70 20.79 -3.33 -10.21
CA PHE E 70 19.94 -2.20 -10.47
C PHE E 70 19.85 -1.77 -11.92
N HIS E 71 20.94 -1.85 -12.67
CA HIS E 71 20.91 -1.41 -14.04
C HIS E 71 21.41 -2.44 -15.03
N GLN E 72 21.12 -3.71 -14.81
CA GLN E 72 21.57 -4.73 -15.75
C GLN E 72 21.27 -6.13 -15.25
N PRO E 73 20.08 -6.30 -14.68
CA PRO E 73 19.63 -7.58 -14.15
C PRO E 73 19.84 -8.76 -15.07
N GLU E 74 20.16 -8.50 -16.34
CA GLU E 74 20.33 -9.59 -17.28
C GLU E 74 21.65 -10.25 -17.06
N ALA E 75 22.69 -9.43 -17.07
CA ALA E 75 24.03 -9.93 -16.93
C ALA E 75 24.42 -10.06 -15.47
N ILE E 76 23.42 -10.11 -14.59
CA ILE E 76 23.77 -10.21 -13.19
C ILE E 76 24.54 -11.49 -12.87
N GLU E 77 24.11 -12.64 -13.39
CA GLU E 77 24.82 -13.87 -13.10
C GLU E 77 26.28 -13.75 -13.51
N GLU E 78 26.53 -12.79 -14.39
CA GLU E 78 27.87 -12.54 -14.89
C GLU E 78 28.79 -12.03 -13.77
N PHE E 79 28.39 -10.97 -13.08
CA PHE E 79 29.18 -10.42 -11.97
C PHE E 79 29.36 -11.45 -10.84
N PRO E 80 30.58 -11.57 -10.27
CA PRO E 80 30.92 -12.50 -9.19
C PRO E 80 30.39 -12.05 -7.86
N VAL E 81 29.89 -13.01 -7.08
CA VAL E 81 29.35 -12.73 -5.76
C VAL E 81 30.49 -12.54 -4.81
N PRO E 82 30.45 -11.48 -3.98
CA PRO E 82 31.56 -11.26 -3.05
C PRO E 82 31.64 -12.32 -1.95
N ALA E 83 32.81 -12.42 -1.34
CA ALA E 83 33.02 -13.37 -0.25
C ALA E 83 32.40 -12.71 0.97
N LEU E 84 31.68 -13.49 1.77
CA LEU E 84 31.05 -12.91 2.95
C LEU E 84 31.84 -13.22 4.19
N HIS E 85 32.07 -12.21 5.01
CA HIS E 85 32.85 -12.43 6.22
C HIS E 85 32.16 -11.98 7.48
N HIS E 86 30.85 -11.80 7.41
CA HIS E 86 30.11 -11.42 8.61
C HIS E 86 30.00 -12.70 9.46
N PRO E 87 30.17 -12.58 10.79
CA PRO E 87 30.11 -13.70 11.74
C PRO E 87 29.05 -14.78 11.51
N VAL E 88 27.86 -14.39 11.04
CA VAL E 88 26.80 -15.38 10.80
C VAL E 88 27.25 -16.47 9.83
N PHE E 89 28.21 -16.12 8.97
CA PHE E 89 28.74 -17.03 7.95
C PHE E 89 29.97 -17.80 8.39
N GLN E 90 30.63 -17.29 9.42
CA GLN E 90 31.83 -17.90 9.99
C GLN E 90 31.54 -19.23 10.71
N GLN E 91 30.46 -19.27 11.48
CA GLN E 91 30.08 -20.50 12.18
C GLN E 91 28.76 -21.07 11.66
N GLU E 92 28.68 -22.39 11.54
CA GLU E 92 27.49 -23.06 11.04
C GLU E 92 26.26 -22.81 11.92
N SER E 93 25.08 -22.85 11.32
CA SER E 93 23.82 -22.65 12.04
C SER E 93 22.64 -22.76 11.07
N PHE E 94 21.44 -22.94 11.62
CA PHE E 94 20.23 -23.00 10.79
C PHE E 94 20.24 -21.77 9.90
N THR E 95 20.27 -20.62 10.58
CA THR E 95 20.30 -19.32 9.93
C THR E 95 21.33 -19.23 8.81
N ARG E 96 22.46 -19.92 8.96
CA ARG E 96 23.46 -19.88 7.90
C ARG E 96 23.04 -20.76 6.75
N GLN E 97 22.48 -21.93 7.06
CA GLN E 97 22.02 -22.82 5.99
C GLN E 97 20.99 -22.09 5.17
N VAL E 98 20.06 -21.45 5.86
CA VAL E 98 19.03 -20.71 5.17
C VAL E 98 19.65 -19.69 4.24
N LEU E 99 20.25 -18.65 4.81
CA LEU E 99 20.87 -17.60 4.02
C LEU E 99 21.66 -18.15 2.85
N TRP E 100 22.35 -19.27 3.04
CA TRP E 100 23.12 -19.82 1.95
C TRP E 100 22.18 -20.38 0.89
N LYS E 101 21.29 -21.29 1.28
CA LYS E 101 20.35 -21.88 0.33
C LYS E 101 19.59 -20.79 -0.43
N LEU E 102 19.10 -19.80 0.30
CA LEU E 102 18.38 -18.70 -0.33
C LEU E 102 19.21 -18.06 -1.44
N LEU E 103 20.43 -17.65 -1.11
CA LEU E 103 21.32 -17.03 -2.09
C LEU E 103 21.57 -17.93 -3.30
N LYS E 104 21.86 -19.17 -3.01
CA LYS E 104 22.14 -20.15 -4.03
C LYS E 104 20.95 -20.51 -4.93
N VAL E 105 19.79 -20.78 -4.35
CA VAL E 105 18.62 -21.19 -5.13
C VAL E 105 17.73 -20.11 -5.76
N VAL E 106 17.09 -19.29 -4.93
CA VAL E 106 16.21 -18.25 -5.44
C VAL E 106 16.94 -17.16 -6.19
N LYS E 107 16.93 -17.25 -7.52
CA LYS E 107 17.59 -16.26 -8.36
C LYS E 107 16.68 -15.09 -8.70
N PHE E 108 17.15 -14.22 -9.58
CA PHE E 108 16.40 -13.03 -9.97
C PHE E 108 14.97 -13.32 -10.43
N GLY E 109 14.07 -12.38 -10.17
CA GLY E 109 12.68 -12.52 -10.58
C GLY E 109 11.89 -13.65 -9.97
N GLU E 110 12.56 -14.56 -9.26
CA GLU E 110 11.86 -15.66 -8.63
C GLU E 110 11.35 -15.25 -7.26
N VAL E 111 10.56 -16.12 -6.63
CA VAL E 111 10.03 -15.86 -5.31
C VAL E 111 9.80 -17.20 -4.63
N ILE E 112 9.87 -17.23 -3.30
CA ILE E 112 9.67 -18.45 -2.53
C ILE E 112 9.01 -18.09 -1.21
N SER E 113 8.30 -19.04 -0.63
CA SER E 113 7.60 -18.77 0.62
C SER E 113 8.49 -19.18 1.76
N TYR E 114 8.32 -18.49 2.89
CA TYR E 114 9.09 -18.76 4.08
C TYR E 114 9.24 -20.25 4.28
N GLN E 115 8.12 -20.94 4.41
CA GLN E 115 8.15 -22.38 4.61
C GLN E 115 8.91 -23.17 3.54
N GLN E 116 8.79 -22.75 2.29
CA GLN E 116 9.46 -23.45 1.20
C GLN E 116 10.96 -23.40 1.45
N LEU E 117 11.42 -22.22 1.79
CA LEU E 117 12.83 -21.99 2.06
C LEU E 117 13.20 -22.82 3.28
N ALA E 118 12.34 -22.77 4.29
CA ALA E 118 12.54 -23.50 5.53
C ALA E 118 12.85 -24.94 5.21
N ALA E 119 11.92 -25.60 4.53
CA ALA E 119 12.14 -27.00 4.18
C ALA E 119 13.41 -27.07 3.34
N LEU E 120 13.48 -26.21 2.35
CA LEU E 120 14.60 -26.14 1.44
C LEU E 120 15.91 -26.13 2.20
N ALA E 121 15.88 -25.55 3.39
CA ALA E 121 17.06 -25.46 4.22
C ALA E 121 17.28 -26.77 4.97
N GLY E 122 16.22 -27.55 5.11
CA GLY E 122 16.33 -28.81 5.82
C GLY E 122 15.14 -29.01 6.73
N ASN E 123 14.79 -27.98 7.49
CA ASN E 123 13.66 -28.07 8.41
C ASN E 123 12.39 -27.46 7.85
N PRO E 124 11.45 -28.30 7.40
CA PRO E 124 10.18 -27.83 6.84
C PRO E 124 9.17 -27.22 7.80
N LYS E 125 9.36 -27.45 9.09
CA LYS E 125 8.44 -26.91 10.07
C LYS E 125 9.01 -25.65 10.68
N ALA E 126 10.15 -25.22 10.14
CA ALA E 126 10.90 -24.06 10.62
C ALA E 126 10.48 -22.74 10.00
N ALA E 127 9.49 -22.81 9.12
CA ALA E 127 8.99 -21.65 8.41
C ALA E 127 9.09 -20.33 9.14
N ARG E 128 8.69 -20.29 10.41
CA ARG E 128 8.73 -19.05 11.17
C ARG E 128 10.14 -18.61 11.51
N ALA E 129 11.01 -19.59 11.73
CA ALA E 129 12.41 -19.32 12.04
C ALA E 129 13.05 -18.60 10.85
N VAL E 130 12.73 -19.10 9.66
CA VAL E 130 13.24 -18.53 8.44
C VAL E 130 12.90 -17.04 8.39
N GLY E 131 11.74 -16.68 8.93
CA GLY E 131 11.37 -15.28 8.95
C GLY E 131 12.37 -14.48 9.77
N GLY E 132 12.88 -15.12 10.82
CA GLY E 132 13.85 -14.46 11.68
C GLY E 132 15.13 -14.32 10.91
N ALA E 133 15.55 -15.42 10.30
CA ALA E 133 16.75 -15.45 9.50
C ALA E 133 16.74 -14.28 8.53
N MET E 134 15.55 -13.94 8.04
CA MET E 134 15.41 -12.84 7.11
C MET E 134 15.61 -11.51 7.81
N ARG E 135 15.08 -11.40 9.02
CA ARG E 135 15.22 -10.18 9.81
C ARG E 135 16.71 -9.99 10.05
N GLY E 136 17.42 -11.10 10.21
CA GLY E 136 18.85 -11.02 10.48
C GLY E 136 19.80 -11.00 9.29
N ASN E 137 19.30 -11.08 8.06
CA ASN E 137 20.18 -11.03 6.90
C ASN E 137 20.96 -9.72 6.94
N PRO E 138 22.30 -9.81 6.99
CA PRO E 138 23.21 -8.67 7.04
C PRO E 138 23.52 -8.09 5.67
N VAL E 139 23.28 -8.90 4.63
CA VAL E 139 23.54 -8.51 3.26
C VAL E 139 22.29 -8.66 2.38
N PRO E 140 21.33 -7.74 2.55
CA PRO E 140 20.09 -7.76 1.77
C PRO E 140 20.39 -7.54 0.31
N ILE E 141 19.39 -7.77 -0.54
CA ILE E 141 19.53 -7.59 -1.98
C ILE E 141 20.52 -8.61 -2.54
N LEU E 142 21.65 -8.79 -1.87
CA LEU E 142 22.62 -9.76 -2.36
C LEU E 142 21.99 -11.07 -2.03
N ILE E 143 21.60 -11.24 -0.78
CA ILE E 143 20.89 -12.44 -0.37
C ILE E 143 19.43 -11.98 -0.38
N PRO E 144 18.72 -12.31 -1.45
CA PRO E 144 17.31 -11.98 -1.71
C PRO E 144 16.34 -12.39 -0.63
N CYS E 145 16.29 -11.63 0.46
CA CYS E 145 15.36 -11.95 1.51
C CYS E 145 14.05 -11.29 1.12
N HIS E 146 14.08 -10.56 0.01
CA HIS E 146 12.89 -9.87 -0.47
C HIS E 146 12.04 -10.80 -1.33
N ARG E 147 12.70 -11.82 -1.86
CA ARG E 147 12.03 -12.82 -2.70
C ARG E 147 11.29 -13.83 -1.84
N VAL E 148 11.31 -13.64 -0.53
CA VAL E 148 10.61 -14.56 0.37
C VAL E 148 9.33 -13.91 0.83
N VAL E 149 8.21 -14.47 0.36
CA VAL E 149 6.90 -13.96 0.67
C VAL E 149 6.09 -14.87 1.58
N CYS E 150 5.05 -14.28 2.18
CA CYS E 150 4.16 -15.01 3.06
C CYS E 150 3.33 -15.92 2.19
N SER E 151 3.38 -17.21 2.51
CA SER E 151 2.67 -18.27 1.79
C SER E 151 1.21 -17.91 1.58
N SER E 152 0.61 -17.30 2.60
CA SER E 152 -0.79 -16.88 2.56
C SER E 152 -1.05 -15.97 1.37
N GLY E 153 0.03 -15.41 0.82
CA GLY E 153 -0.08 -14.49 -0.29
C GLY E 153 -0.11 -13.10 0.29
N ALA E 154 -0.38 -12.99 1.60
CA ALA E 154 -0.44 -11.70 2.27
C ALA E 154 0.92 -11.11 2.49
N VAL E 155 0.94 -9.95 3.13
CA VAL E 155 2.18 -9.24 3.42
C VAL E 155 2.40 -8.98 4.91
N GLY E 156 3.40 -9.63 5.49
CA GLY E 156 3.71 -9.45 6.90
C GLY E 156 4.49 -8.15 7.13
N ASN E 157 5.81 -8.20 6.95
CA ASN E 157 6.69 -7.03 7.14
C ASN E 157 8.02 -7.18 6.39
N TYR E 158 8.91 -6.22 6.64
CA TYR E 158 10.24 -6.17 6.04
C TYR E 158 11.10 -5.20 6.85
N SER E 159 12.26 -5.68 7.30
CA SER E 159 13.15 -4.83 8.09
C SER E 159 13.42 -3.55 7.31
N GLY E 160 13.82 -3.69 6.04
CA GLY E 160 14.10 -2.53 5.21
C GLY E 160 12.89 -1.63 4.98
N GLY E 161 11.74 -2.01 5.55
CA GLY E 161 10.51 -1.25 5.40
C GLY E 161 9.79 -1.64 4.12
N LEU E 162 8.60 -2.24 4.25
CA LEU E 162 7.79 -2.71 3.12
C LEU E 162 8.09 -1.96 1.82
N ALA E 163 7.99 -0.64 1.90
CA ALA E 163 8.25 0.22 0.75
C ALA E 163 9.46 -0.24 -0.08
N VAL E 164 10.45 -0.81 0.59
CA VAL E 164 11.67 -1.27 -0.06
C VAL E 164 11.57 -2.67 -0.60
N LYS E 165 10.76 -3.50 0.02
CA LYS E 165 10.59 -4.87 -0.44
C LYS E 165 9.77 -4.82 -1.72
N GLU E 166 8.71 -4.04 -1.64
CA GLU E 166 7.80 -3.87 -2.74
C GLU E 166 8.52 -3.32 -3.96
N TRP E 167 9.46 -2.40 -3.75
CA TRP E 167 10.19 -1.84 -4.87
C TRP E 167 11.11 -2.88 -5.49
N LEU E 168 11.75 -3.67 -4.65
CA LEU E 168 12.63 -4.67 -5.19
C LEU E 168 11.86 -5.68 -6.00
N LEU E 169 10.71 -6.09 -5.46
CA LEU E 169 9.87 -7.06 -6.15
C LEU E 169 9.34 -6.51 -7.48
N ALA E 170 8.95 -5.24 -7.47
CA ALA E 170 8.45 -4.59 -8.66
C ALA E 170 9.57 -4.65 -9.67
N HIS E 171 10.75 -4.23 -9.25
CA HIS E 171 11.93 -4.24 -10.09
C HIS E 171 12.15 -5.64 -10.66
N GLU E 172 11.63 -6.66 -9.97
CA GLU E 172 11.81 -8.02 -10.43
C GLU E 172 10.57 -8.60 -11.11
N GLY E 173 9.63 -7.72 -11.45
CA GLY E 173 8.41 -8.15 -12.13
C GLY E 173 7.40 -8.82 -11.23
N HIS E 174 7.18 -8.27 -10.04
CA HIS E 174 6.23 -8.83 -9.11
C HIS E 174 5.59 -7.80 -8.22
N ARG E 175 4.47 -8.17 -7.63
CA ARG E 175 3.76 -7.27 -6.73
C ARG E 175 3.57 -8.02 -5.42
N LEU E 176 3.75 -7.33 -4.31
CA LEU E 176 3.57 -7.99 -3.03
C LEU E 176 2.12 -8.41 -2.94
N GLY E 177 1.77 -9.17 -1.91
CA GLY E 177 0.38 -9.59 -1.78
C GLY E 177 -0.06 -10.54 -2.89
N LYS E 178 0.45 -10.33 -4.09
CA LYS E 178 0.11 -11.21 -5.21
C LYS E 178 1.37 -11.99 -5.58
N PRO E 179 1.74 -13.00 -4.74
CA PRO E 179 2.91 -13.87 -4.88
C PRO E 179 3.43 -14.07 -6.30
N CYS F 5 1.65 6.34 26.56
CA CYS F 5 0.27 6.77 26.15
C CYS F 5 -0.47 7.19 27.42
N GLU F 6 0.03 8.23 28.07
CA GLU F 6 -0.54 8.74 29.32
C GLU F 6 -2.09 8.86 29.30
N MET F 7 -2.78 7.91 29.96
CA MET F 7 -4.26 7.90 29.97
C MET F 7 -4.99 8.66 31.08
N LYS F 8 -6.17 9.17 30.74
CA LYS F 8 -7.05 9.88 31.68
C LYS F 8 -8.49 9.45 31.35
N ARG F 9 -9.41 9.63 32.28
CA ARG F 9 -10.79 9.25 32.03
C ARG F 9 -11.79 10.24 32.57
N THR F 10 -12.92 10.32 31.89
CA THR F 10 -14.00 11.21 32.26
C THR F 10 -15.32 10.53 31.93
N THR F 11 -16.33 10.76 32.76
CA THR F 11 -17.65 10.18 32.49
C THR F 11 -18.69 11.29 32.26
N LEU F 12 -19.50 11.08 31.24
CA LEU F 12 -20.51 12.03 30.87
C LEU F 12 -21.91 11.42 30.96
N ASP F 13 -22.85 12.18 31.50
CA ASP F 13 -24.22 11.70 31.60
C ASP F 13 -24.96 11.91 30.29
N SER F 14 -25.61 10.85 29.82
CA SER F 14 -26.33 10.91 28.56
C SER F 14 -27.65 10.17 28.61
N PRO F 15 -28.50 10.39 27.59
CA PRO F 15 -29.81 9.74 27.49
C PRO F 15 -29.69 8.22 27.59
N LEU F 16 -28.52 7.69 27.24
CA LEU F 16 -28.25 6.26 27.26
C LEU F 16 -27.70 5.81 28.59
N GLY F 17 -27.33 6.79 29.41
CA GLY F 17 -26.80 6.47 30.71
C GLY F 17 -25.49 7.19 30.98
N LYS F 18 -24.52 6.44 31.49
CA LYS F 18 -23.24 7.04 31.79
C LYS F 18 -22.17 6.57 30.83
N LEU F 19 -21.68 7.53 30.06
CA LEU F 19 -20.65 7.29 29.07
C LEU F 19 -19.31 7.62 29.72
N GLU F 20 -18.36 6.70 29.64
CA GLU F 20 -17.05 6.92 30.19
C GLU F 20 -16.04 7.12 29.07
N LEU F 21 -15.61 8.38 28.90
CA LEU F 21 -14.67 8.74 27.86
C LEU F 21 -13.23 8.59 28.34
N SER F 22 -12.45 7.81 27.62
CA SER F 22 -11.07 7.59 27.99
C SER F 22 -10.10 7.68 26.81
N GLY F 23 -9.05 8.49 26.98
CA GLY F 23 -8.06 8.68 25.94
C GLY F 23 -6.84 9.41 26.46
N CYS F 24 -5.86 9.67 25.59
CA CYS F 24 -4.64 10.38 25.96
C CYS F 24 -4.69 11.80 25.45
N GLU F 25 -3.52 12.36 25.16
CA GLU F 25 -3.47 13.73 24.64
C GLU F 25 -3.36 13.63 23.14
N GLN F 26 -3.06 12.44 22.65
CA GLN F 26 -2.93 12.24 21.22
C GLN F 26 -4.27 11.86 20.62
N GLY F 27 -5.31 11.87 21.46
CA GLY F 27 -6.63 11.54 20.99
C GLY F 27 -7.45 10.64 21.87
N LEU F 28 -8.72 10.48 21.49
CA LEU F 28 -9.67 9.64 22.22
C LEU F 28 -9.36 8.18 21.96
N HIS F 29 -9.31 7.42 23.05
CA HIS F 29 -9.03 6.00 22.95
C HIS F 29 -10.30 5.18 22.88
N GLU F 30 -11.31 5.59 23.63
CA GLU F 30 -12.56 4.85 23.65
C GLU F 30 -13.77 5.48 24.35
N ILE F 31 -14.95 5.24 23.80
CA ILE F 31 -16.22 5.71 24.37
C ILE F 31 -16.88 4.43 24.85
N LYS F 32 -17.19 4.37 26.13
CA LYS F 32 -17.76 3.18 26.73
C LYS F 32 -18.98 3.47 27.60
N LEU F 33 -20.06 2.73 27.38
CA LEU F 33 -21.28 2.91 28.15
C LEU F 33 -21.33 1.96 29.36
N LEU F 34 -21.41 2.56 30.55
CA LEU F 34 -21.42 1.81 31.80
C LEU F 34 -22.78 1.22 32.13
N GLY F 35 -23.84 1.90 31.72
CA GLY F 35 -25.20 1.44 31.97
C GLY F 35 -25.45 0.42 33.08
N VAL F 46 -4.04 -2.24 32.55
CA VAL F 46 -4.68 -2.40 33.86
C VAL F 46 -4.58 -1.13 34.74
N PRO F 47 -3.39 -0.48 34.80
CA PRO F 47 -3.35 0.74 35.63
C PRO F 47 -4.23 1.83 34.96
N ALA F 48 -5.53 1.56 34.97
CA ALA F 48 -6.55 2.44 34.36
C ALA F 48 -6.30 3.93 34.49
N PRO F 49 -6.56 4.69 33.41
CA PRO F 49 -6.39 6.14 33.35
C PRO F 49 -6.87 6.93 34.57
N ALA F 50 -6.30 8.11 34.73
CA ALA F 50 -6.60 8.98 35.84
C ALA F 50 -8.01 9.53 35.79
N ALA F 51 -8.88 9.08 36.69
CA ALA F 51 -10.25 9.59 36.70
C ALA F 51 -10.24 11.10 36.98
N VAL F 52 -10.62 11.90 35.97
CA VAL F 52 -10.64 13.35 36.10
C VAL F 52 -11.96 13.99 35.67
N LEU F 53 -12.13 15.30 35.88
CA LEU F 53 -13.35 15.99 35.46
C LEU F 53 -13.23 16.58 34.07
N GLY F 54 -12.21 17.40 33.86
CA GLY F 54 -11.99 17.98 32.55
C GLY F 54 -10.72 17.36 32.02
N GLY F 55 -10.80 16.69 30.87
CA GLY F 55 -9.61 16.05 30.32
C GLY F 55 -8.92 16.85 29.24
N PRO F 56 -8.07 16.21 28.43
CA PRO F 56 -7.32 16.81 27.34
C PRO F 56 -8.26 17.23 26.22
N GLU F 57 -7.75 18.05 25.29
CA GLU F 57 -8.53 18.52 24.15
C GLU F 57 -9.30 17.39 23.45
N PRO F 58 -8.69 16.20 23.35
CA PRO F 58 -9.38 15.09 22.72
C PRO F 58 -10.58 14.59 23.53
N LEU F 59 -10.60 14.88 24.83
CA LEU F 59 -11.72 14.45 25.66
C LEU F 59 -12.79 15.51 25.76
N MET F 60 -12.40 16.78 25.80
CA MET F 60 -13.43 17.81 25.88
C MET F 60 -14.12 17.94 24.54
N GLN F 61 -13.36 17.82 23.46
CA GLN F 61 -13.97 17.88 22.16
C GLN F 61 -15.03 16.80 22.08
N CYS F 62 -14.63 15.58 22.45
CA CYS F 62 -15.55 14.46 22.44
C CYS F 62 -16.73 14.72 23.35
N THR F 63 -16.49 15.22 24.55
CA THR F 63 -17.59 15.52 25.45
C THR F 63 -18.52 16.50 24.77
N ALA F 64 -17.97 17.58 24.26
CA ALA F 64 -18.79 18.57 23.58
C ALA F 64 -19.62 17.89 22.50
N TRP F 65 -18.93 17.18 21.61
CA TRP F 65 -19.55 16.48 20.49
C TRP F 65 -20.72 15.62 20.92
N LEU F 66 -20.48 14.74 21.89
CA LEU F 66 -21.52 13.85 22.39
C LEU F 66 -22.74 14.61 22.89
N ASN F 67 -22.52 15.71 23.58
CA ASN F 67 -23.62 16.49 24.09
C ASN F 67 -24.43 17.04 22.94
N ALA F 68 -23.73 17.50 21.91
CA ALA F 68 -24.40 18.05 20.74
C ALA F 68 -25.30 16.98 20.15
N TYR F 69 -24.68 15.83 19.86
CA TYR F 69 -25.39 14.71 19.29
C TYR F 69 -26.69 14.45 20.00
N PHE F 70 -26.70 14.53 21.32
CA PHE F 70 -27.90 14.25 22.09
C PHE F 70 -28.81 15.44 22.31
N HIS F 71 -28.26 16.57 22.70
CA HIS F 71 -29.10 17.73 22.98
C HIS F 71 -29.07 18.83 21.94
N GLN F 72 -28.35 18.62 20.84
CA GLN F 72 -28.32 19.66 19.83
C GLN F 72 -28.07 19.11 18.43
N PRO F 73 -28.64 17.94 18.13
CA PRO F 73 -28.48 17.28 16.83
C PRO F 73 -28.50 18.18 15.59
N GLU F 74 -29.14 19.33 15.67
CA GLU F 74 -29.18 20.21 14.52
C GLU F 74 -27.78 20.70 14.12
N ALA F 75 -26.98 21.08 15.11
CA ALA F 75 -25.65 21.57 14.80
C ALA F 75 -24.51 20.54 14.93
N ILE F 76 -24.85 19.25 14.91
CA ILE F 76 -23.83 18.23 15.07
C ILE F 76 -22.74 18.29 14.01
N GLU F 77 -23.09 18.80 12.84
CA GLU F 77 -22.12 18.94 11.75
C GLU F 77 -21.16 20.07 12.10
N GLU F 78 -21.48 20.81 13.17
CA GLU F 78 -20.68 21.94 13.62
C GLU F 78 -19.51 21.59 14.55
N PHE F 79 -19.75 20.65 15.46
CA PHE F 79 -18.73 20.25 16.43
C PHE F 79 -17.61 19.38 15.84
N PRO F 80 -16.35 19.80 16.06
CA PRO F 80 -15.17 19.11 15.56
C PRO F 80 -15.08 17.70 16.07
N VAL F 81 -14.72 16.77 15.21
CA VAL F 81 -14.56 15.39 15.60
C VAL F 81 -13.21 15.26 16.30
N PRO F 82 -13.18 14.61 17.46
CA PRO F 82 -11.93 14.44 18.19
C PRO F 82 -10.94 13.56 17.47
N ALA F 83 -9.67 13.69 17.85
CA ALA F 83 -8.61 12.90 17.25
C ALA F 83 -8.66 11.53 17.88
N LEU F 84 -8.55 10.49 17.09
CA LEU F 84 -8.61 9.15 17.65
C LEU F 84 -7.23 8.59 17.90
N HIS F 85 -7.00 8.04 19.08
CA HIS F 85 -5.69 7.46 19.37
C HIS F 85 -5.73 6.00 19.81
N HIS F 86 -6.86 5.35 19.63
CA HIS F 86 -6.94 3.95 20.01
C HIS F 86 -6.10 3.20 18.97
N PRO F 87 -5.30 2.19 19.41
CA PRO F 87 -4.42 1.38 18.55
C PRO F 87 -4.97 0.97 17.20
N VAL F 88 -6.27 0.71 17.16
CA VAL F 88 -6.92 0.32 15.93
C VAL F 88 -6.68 1.37 14.85
N PHE F 89 -6.46 2.61 15.27
CA PHE F 89 -6.25 3.71 14.34
C PHE F 89 -4.79 3.99 14.05
N GLN F 90 -3.91 3.55 14.94
CA GLN F 90 -2.46 3.74 14.80
C GLN F 90 -1.87 2.95 13.63
N GLN F 91 -2.25 1.68 13.50
CA GLN F 91 -1.75 0.85 12.40
C GLN F 91 -2.88 0.51 11.43
N GLU F 92 -2.58 0.51 10.13
CA GLU F 92 -3.60 0.21 9.14
C GLU F 92 -4.15 -1.19 9.29
N SER F 93 -5.34 -1.38 8.73
CA SER F 93 -6.05 -2.67 8.72
C SER F 93 -7.42 -2.49 8.05
N PHE F 94 -7.97 -3.57 7.55
CA PHE F 94 -9.29 -3.47 6.94
C PHE F 94 -10.13 -2.69 7.94
N THR F 95 -10.17 -3.23 9.16
CA THR F 95 -10.91 -2.66 10.29
C THR F 95 -10.74 -1.15 10.44
N ARG F 96 -9.52 -0.65 10.26
CA ARG F 96 -9.29 0.78 10.39
C ARG F 96 -9.94 1.50 9.21
N GLN F 97 -9.78 0.92 8.03
CA GLN F 97 -10.34 1.51 6.83
C GLN F 97 -11.84 1.67 6.99
N VAL F 98 -12.47 0.59 7.41
CA VAL F 98 -13.90 0.58 7.61
C VAL F 98 -14.34 1.69 8.57
N LEU F 99 -13.91 1.59 9.83
CA LEU F 99 -14.28 2.59 10.83
C LEU F 99 -14.08 4.00 10.33
N TRP F 100 -12.99 4.23 9.59
CA TRP F 100 -12.73 5.56 9.08
C TRP F 100 -13.80 5.90 8.06
N LYS F 101 -13.89 5.09 7.01
CA LYS F 101 -14.88 5.29 5.95
C LYS F 101 -16.26 5.57 6.57
N LEU F 102 -16.71 4.65 7.41
CA LEU F 102 -17.99 4.79 8.07
C LEU F 102 -18.16 6.16 8.71
N LEU F 103 -17.20 6.57 9.54
CA LEU F 103 -17.27 7.86 10.20
C LEU F 103 -17.35 8.99 9.19
N LYS F 104 -16.50 8.90 8.18
CA LYS F 104 -16.41 9.89 7.14
C LYS F 104 -17.66 10.00 6.24
N VAL F 105 -18.16 8.86 5.76
CA VAL F 105 -19.31 8.85 4.88
C VAL F 105 -20.73 8.91 5.50
N VAL F 106 -21.15 7.80 6.09
CA VAL F 106 -22.47 7.75 6.69
C VAL F 106 -22.74 8.81 7.75
N LYS F 107 -23.35 9.91 7.32
CA LYS F 107 -23.67 11.01 8.23
C LYS F 107 -24.96 10.77 9.02
N PHE F 108 -25.41 11.80 9.73
CA PHE F 108 -26.61 11.70 10.58
C PHE F 108 -27.85 11.22 9.85
N GLY F 109 -28.68 10.48 10.57
CA GLY F 109 -29.91 9.97 9.99
C GLY F 109 -29.81 9.00 8.83
N GLU F 110 -28.62 8.84 8.27
CA GLU F 110 -28.48 7.92 7.16
C GLU F 110 -28.24 6.53 7.72
N VAL F 111 -28.16 5.54 6.84
CA VAL F 111 -27.89 4.17 7.24
C VAL F 111 -27.26 3.49 6.03
N ILE F 112 -26.55 2.40 6.28
CA ILE F 112 -25.87 1.66 5.21
C ILE F 112 -25.83 0.21 5.61
N SER F 113 -25.73 -0.69 4.64
CA SER F 113 -25.70 -2.09 4.97
C SER F 113 -24.25 -2.53 5.13
N TYR F 114 -24.05 -3.59 5.91
CA TYR F 114 -22.74 -4.13 6.13
C TYR F 114 -21.97 -4.20 4.81
N GLN F 115 -22.51 -4.96 3.87
CA GLN F 115 -21.91 -5.14 2.56
C GLN F 115 -21.61 -3.84 1.80
N GLN F 116 -22.50 -2.87 1.92
CA GLN F 116 -22.32 -1.60 1.24
C GLN F 116 -21.05 -0.92 1.76
N LEU F 117 -20.90 -0.94 3.08
CA LEU F 117 -19.75 -0.36 3.75
C LEU F 117 -18.53 -1.16 3.33
N ALA F 118 -18.64 -2.48 3.39
CA ALA F 118 -17.56 -3.36 3.01
C ALA F 118 -17.00 -2.95 1.66
N ALA F 119 -17.85 -2.93 0.65
CA ALA F 119 -17.42 -2.54 -0.68
C ALA F 119 -16.83 -1.16 -0.55
N LEU F 120 -17.60 -0.27 0.06
CA LEU F 120 -17.19 1.10 0.26
C LEU F 120 -15.76 1.27 0.83
N ALA F 121 -15.32 0.30 1.64
CA ALA F 121 -13.97 0.32 2.25
C ALA F 121 -12.94 -0.20 1.24
N GLY F 122 -13.41 -0.89 0.22
CA GLY F 122 -12.50 -1.43 -0.76
C GLY F 122 -12.91 -2.84 -1.11
N ASN F 123 -13.10 -3.67 -0.09
CA ASN F 123 -13.49 -5.05 -0.32
C ASN F 123 -15.00 -5.28 -0.13
N PRO F 124 -15.73 -5.45 -1.23
CA PRO F 124 -17.18 -5.67 -1.24
C PRO F 124 -17.61 -7.06 -0.77
N LYS F 125 -16.70 -8.01 -0.82
CA LYS F 125 -17.03 -9.36 -0.41
C LYS F 125 -16.75 -9.59 1.07
N ALA F 126 -16.41 -8.53 1.81
CA ALA F 126 -16.09 -8.67 3.24
C ALA F 126 -17.20 -8.15 4.12
N ALA F 127 -18.43 -8.34 3.68
CA ALA F 127 -19.59 -7.87 4.42
C ALA F 127 -19.59 -8.36 5.86
N ARG F 128 -19.26 -9.64 6.03
CA ARG F 128 -19.23 -10.27 7.34
C ARG F 128 -18.15 -9.67 8.24
N ALA F 129 -16.99 -9.42 7.66
CA ALA F 129 -15.88 -8.84 8.38
C ALA F 129 -16.29 -7.48 8.95
N VAL F 130 -16.96 -6.68 8.13
CA VAL F 130 -17.41 -5.36 8.56
C VAL F 130 -18.21 -5.51 9.84
N GLY F 131 -18.95 -6.60 9.95
CA GLY F 131 -19.74 -6.86 11.14
C GLY F 131 -18.83 -6.92 12.34
N GLY F 132 -17.68 -7.56 12.16
CA GLY F 132 -16.71 -7.65 13.23
C GLY F 132 -16.18 -6.27 13.53
N ALA F 133 -15.79 -5.54 12.48
CA ALA F 133 -15.27 -4.19 12.62
C ALA F 133 -16.21 -3.37 13.47
N MET F 134 -17.50 -3.69 13.36
CA MET F 134 -18.52 -2.99 14.12
C MET F 134 -18.44 -3.38 15.59
N ARG F 135 -18.20 -4.67 15.83
CA ARG F 135 -18.07 -5.17 17.20
C ARG F 135 -16.89 -4.46 17.85
N GLY F 136 -15.82 -4.27 17.09
CA GLY F 136 -14.65 -3.65 17.65
C GLY F 136 -14.65 -2.15 17.84
N ASN F 137 -15.60 -1.44 17.26
CA ASN F 137 -15.58 0.01 17.42
C ASN F 137 -15.45 0.38 18.89
N PRO F 138 -14.37 1.10 19.23
CA PRO F 138 -14.06 1.56 20.59
C PRO F 138 -14.73 2.89 20.89
N VAL F 139 -15.15 3.57 19.84
CA VAL F 139 -15.81 4.85 20.00
C VAL F 139 -17.17 4.87 19.31
N PRO F 140 -18.18 4.23 19.93
CA PRO F 140 -19.53 4.17 19.37
C PRO F 140 -20.14 5.55 19.40
N ILE F 141 -21.24 5.71 18.66
CA ILE F 141 -21.95 6.99 18.56
C ILE F 141 -21.12 8.02 17.80
N LEU F 142 -19.84 8.13 18.14
CA LEU F 142 -18.98 9.07 17.42
C LEU F 142 -18.82 8.40 16.08
N ILE F 143 -18.38 7.16 16.09
CA ILE F 143 -18.26 6.44 14.84
C ILE F 143 -19.56 5.65 14.82
N PRO F 144 -20.54 6.11 14.03
CA PRO F 144 -21.87 5.52 13.85
C PRO F 144 -21.90 4.08 13.37
N CYS F 145 -21.62 3.13 14.26
CA CYS F 145 -21.67 1.74 13.87
C CYS F 145 -23.12 1.32 14.01
N HIS F 146 -23.96 2.26 14.46
CA HIS F 146 -25.39 2.00 14.62
C HIS F 146 -26.11 2.24 13.29
N ARG F 147 -25.52 3.08 12.46
CA ARG F 147 -26.10 3.38 11.17
C ARG F 147 -25.82 2.25 10.20
N VAL F 148 -25.21 1.18 10.66
CA VAL F 148 -24.93 0.05 9.78
C VAL F 148 -25.96 -1.05 10.03
N VAL F 149 -26.81 -1.28 9.04
CA VAL F 149 -27.87 -2.27 9.13
C VAL F 149 -27.70 -3.39 8.12
N CYS F 150 -28.66 -4.32 8.11
CA CYS F 150 -28.57 -5.44 7.18
C CYS F 150 -29.00 -5.06 5.78
N SER F 151 -28.39 -5.72 4.80
CA SER F 151 -28.68 -5.52 3.37
C SER F 151 -30.16 -5.83 3.20
N SER F 152 -30.66 -6.65 4.13
CA SER F 152 -32.05 -7.08 4.16
C SER F 152 -32.89 -6.16 5.02
N GLY F 153 -32.59 -4.86 4.99
CA GLY F 153 -33.35 -3.90 5.78
C GLY F 153 -33.42 -4.20 7.27
N ALA F 154 -33.31 -5.48 7.65
CA ALA F 154 -33.38 -5.86 9.06
C ALA F 154 -32.34 -5.06 9.84
N VAL F 155 -32.78 -4.44 10.93
CA VAL F 155 -31.92 -3.61 11.80
C VAL F 155 -30.55 -4.25 12.08
N GLY F 156 -30.50 -5.58 11.98
CA GLY F 156 -29.24 -6.28 12.22
C GLY F 156 -28.98 -6.47 13.70
N ASN F 157 -27.73 -6.68 14.05
CA ASN F 157 -27.32 -6.91 15.44
C ASN F 157 -26.68 -5.66 16.09
N TYR F 158 -25.88 -5.89 17.13
CA TYR F 158 -25.19 -4.83 17.86
C TYR F 158 -24.53 -5.38 19.13
N SER F 159 -23.31 -4.90 19.41
CA SER F 159 -22.55 -5.30 20.59
C SER F 159 -23.20 -4.69 21.83
N GLY F 160 -23.13 -3.36 21.93
CA GLY F 160 -23.74 -2.65 23.06
C GLY F 160 -25.22 -2.97 23.18
N GLY F 161 -25.67 -3.96 22.39
CA GLY F 161 -27.05 -4.41 22.41
C GLY F 161 -27.94 -3.80 21.34
N LEU F 162 -28.75 -4.66 20.74
CA LEU F 162 -29.72 -4.25 19.71
C LEU F 162 -30.67 -3.19 20.28
N ALA F 163 -30.83 -3.21 21.60
CA ALA F 163 -31.69 -2.25 22.28
C ALA F 163 -31.22 -0.84 21.98
N VAL F 164 -30.00 -0.54 22.40
CA VAL F 164 -29.42 0.79 22.20
C VAL F 164 -29.43 1.18 20.73
N LYS F 165 -28.98 0.25 19.88
CA LYS F 165 -28.93 0.51 18.46
C LYS F 165 -30.24 1.13 18.01
N GLU F 166 -31.33 0.48 18.39
CA GLU F 166 -32.66 0.95 18.02
C GLU F 166 -32.98 2.31 18.63
N TRP F 167 -32.46 2.57 19.83
CA TRP F 167 -32.73 3.85 20.46
C TRP F 167 -31.99 4.94 19.70
N LEU F 168 -30.77 4.66 19.30
CA LEU F 168 -29.99 5.64 18.56
C LEU F 168 -30.67 5.90 17.22
N LEU F 169 -31.06 4.83 16.53
CA LEU F 169 -31.71 4.97 15.25
C LEU F 169 -33.01 5.74 15.38
N ALA F 170 -33.75 5.43 16.44
CA ALA F 170 -35.01 6.12 16.71
C ALA F 170 -34.67 7.58 16.88
N HIS F 171 -33.67 7.86 17.72
CA HIS F 171 -33.22 9.22 17.96
C HIS F 171 -32.88 9.91 16.63
N GLU F 172 -32.54 9.13 15.62
CA GLU F 172 -32.18 9.69 14.33
C GLU F 172 -33.26 9.61 13.24
N GLY F 173 -34.53 9.69 13.68
CA GLY F 173 -35.67 9.66 12.76
C GLY F 173 -36.14 8.35 12.16
N HIS F 174 -35.98 7.23 12.86
CA HIS F 174 -36.40 5.94 12.33
C HIS F 174 -37.16 5.07 13.34
N ARG F 175 -38.40 4.75 13.02
CA ARG F 175 -39.19 3.91 13.92
C ARG F 175 -40.36 3.22 13.23
N CYS G 5 -22.58 -0.12 -29.67
CA CYS G 5 -21.59 -0.61 -28.66
C CYS G 5 -21.98 -1.92 -27.99
N GLU G 6 -21.88 -3.02 -28.73
CA GLU G 6 -22.18 -4.34 -28.19
C GLU G 6 -20.93 -4.73 -27.42
N MET G 7 -20.94 -4.39 -26.12
CA MET G 7 -19.82 -4.62 -25.21
C MET G 7 -19.16 -5.99 -25.13
N LYS G 8 -17.83 -5.97 -25.06
CA LYS G 8 -17.01 -7.19 -24.97
C LYS G 8 -16.03 -7.08 -23.81
N ARG G 9 -15.89 -8.16 -23.05
CA ARG G 9 -14.97 -8.16 -21.91
C ARG G 9 -13.96 -9.28 -22.11
N THR G 10 -12.93 -9.25 -21.26
CA THR G 10 -11.85 -10.24 -21.21
C THR G 10 -10.93 -9.83 -20.08
N THR G 11 -10.51 -10.79 -19.26
CA THR G 11 -9.61 -10.48 -18.16
C THR G 11 -8.24 -11.11 -18.38
N LEU G 12 -7.22 -10.31 -18.13
CA LEU G 12 -5.83 -10.71 -18.27
C LEU G 12 -5.07 -10.65 -16.95
N ASP G 13 -4.27 -11.68 -16.70
CA ASP G 13 -3.49 -11.73 -15.48
C ASP G 13 -2.23 -10.91 -15.65
N SER G 14 -1.97 -10.08 -14.67
CA SER G 14 -0.80 -9.24 -14.75
C SER G 14 -0.10 -9.12 -13.39
N PRO G 15 1.12 -8.58 -13.39
CA PRO G 15 1.87 -8.42 -12.15
C PRO G 15 1.05 -7.65 -11.10
N LEU G 16 0.16 -6.78 -11.58
CA LEU G 16 -0.69 -5.96 -10.73
C LEU G 16 -1.92 -6.70 -10.25
N GLY G 17 -2.21 -7.82 -10.90
CA GLY G 17 -3.36 -8.61 -10.55
C GLY G 17 -4.19 -8.99 -11.77
N LYS G 18 -5.50 -8.79 -11.68
CA LYS G 18 -6.36 -9.13 -12.79
C LYS G 18 -6.92 -7.89 -13.45
N LEU G 19 -6.53 -7.73 -14.70
CA LEU G 19 -6.96 -6.60 -15.50
C LEU G 19 -8.12 -7.08 -16.33
N GLU G 20 -9.22 -6.33 -16.29
CA GLU G 20 -10.41 -6.68 -17.06
C GLU G 20 -10.53 -5.71 -18.23
N LEU G 21 -10.31 -6.24 -19.42
CA LEU G 21 -10.36 -5.44 -20.62
C LEU G 21 -11.74 -5.49 -21.26
N SER G 22 -12.36 -4.32 -21.41
CA SER G 22 -13.69 -4.22 -22.00
C SER G 22 -13.82 -3.14 -23.08
N GLY G 23 -14.36 -3.55 -24.22
CA GLY G 23 -14.55 -2.63 -25.33
C GLY G 23 -15.44 -3.27 -26.39
N CYS G 24 -15.69 -2.53 -27.46
CA CYS G 24 -16.51 -3.03 -28.55
C CYS G 24 -15.62 -3.38 -29.73
N GLU G 25 -16.11 -3.22 -30.95
CA GLU G 25 -15.32 -3.54 -32.12
C GLU G 25 -14.73 -2.28 -32.68
N GLN G 26 -15.22 -1.15 -32.20
CA GLN G 26 -14.72 0.12 -32.67
C GLN G 26 -13.60 0.57 -31.77
N GLY G 27 -13.22 -0.29 -30.84
CA GLY G 27 -12.13 0.05 -29.93
C GLY G 27 -12.27 -0.32 -28.48
N LEU G 28 -11.17 -0.17 -27.75
CA LEU G 28 -11.15 -0.48 -26.34
C LEU G 28 -11.92 0.59 -25.58
N HIS G 29 -12.76 0.16 -24.66
CA HIS G 29 -13.57 1.08 -23.88
C HIS G 29 -12.92 1.39 -22.54
N GLU G 30 -12.31 0.37 -21.93
CA GLU G 30 -11.70 0.56 -20.63
C GLU G 30 -10.84 -0.58 -20.07
N ILE G 31 -9.77 -0.20 -19.38
CA ILE G 31 -8.87 -1.15 -18.74
C ILE G 31 -9.14 -0.93 -17.27
N LYS G 32 -9.53 -2.00 -16.58
CA LYS G 32 -9.88 -1.91 -15.16
C LYS G 32 -9.22 -3.00 -14.30
N LEU G 33 -8.64 -2.59 -13.17
CA LEU G 33 -7.97 -3.53 -12.27
C LEU G 33 -8.90 -4.00 -11.16
N LEU G 34 -9.14 -5.31 -11.12
CA LEU G 34 -10.04 -5.91 -10.14
C LEU G 34 -9.39 -6.19 -8.80
N GLY G 35 -8.16 -6.70 -8.84
CA GLY G 35 -7.44 -7.03 -7.63
C GLY G 35 -6.46 -8.17 -7.86
N GLY G 55 -13.35 -11.71 -27.80
CA GLY G 55 -13.03 -12.04 -29.18
C GLY G 55 -12.57 -10.90 -30.09
N PRO G 56 -12.98 -9.64 -29.82
CA PRO G 56 -12.61 -8.47 -30.62
C PRO G 56 -11.13 -8.09 -30.71
N GLU G 57 -10.77 -7.47 -31.83
CA GLU G 57 -9.41 -7.04 -32.13
C GLU G 57 -8.81 -5.99 -31.20
N PRO G 58 -9.54 -4.90 -30.93
CA PRO G 58 -8.92 -3.91 -30.05
C PRO G 58 -8.66 -4.54 -28.68
N LEU G 59 -9.31 -5.67 -28.42
CA LEU G 59 -9.10 -6.35 -27.16
C LEU G 59 -7.86 -7.19 -27.23
N MET G 60 -7.65 -7.83 -28.38
CA MET G 60 -6.47 -8.65 -28.51
C MET G 60 -5.26 -7.73 -28.57
N GLN G 61 -5.36 -6.67 -29.37
CA GLN G 61 -4.25 -5.72 -29.47
C GLN G 61 -3.89 -5.22 -28.10
N CYS G 62 -4.90 -4.88 -27.32
CA CYS G 62 -4.66 -4.39 -25.98
C CYS G 62 -4.07 -5.47 -25.09
N THR G 63 -4.55 -6.70 -25.21
CA THR G 63 -4.00 -7.78 -24.39
C THR G 63 -2.53 -7.94 -24.73
N ALA G 64 -2.22 -8.06 -26.01
CA ALA G 64 -0.84 -8.19 -26.46
C ALA G 64 0.01 -7.06 -25.88
N TRP G 65 -0.41 -5.82 -26.16
CA TRP G 65 0.27 -4.61 -25.69
C TRP G 65 0.58 -4.64 -24.21
N LEU G 66 -0.43 -4.93 -23.41
CA LEU G 66 -0.28 -5.01 -21.97
C LEU G 66 0.76 -6.06 -21.60
N ASN G 67 0.71 -7.21 -22.24
CA ASN G 67 1.69 -8.26 -21.94
C ASN G 67 3.10 -7.76 -22.23
N ALA G 68 3.25 -7.07 -23.36
CA ALA G 68 4.54 -6.54 -23.74
C ALA G 68 5.03 -5.61 -22.64
N TYR G 69 4.20 -4.63 -22.30
CA TYR G 69 4.51 -3.67 -21.25
C TYR G 69 5.04 -4.31 -20.01
N PHE G 70 4.55 -5.50 -19.69
CA PHE G 70 4.99 -6.17 -18.49
C PHE G 70 6.20 -7.05 -18.69
N HIS G 71 6.34 -7.65 -19.86
CA HIS G 71 7.47 -8.53 -20.11
C HIS G 71 8.21 -8.22 -21.39
N GLN G 72 8.42 -6.96 -21.70
CA GLN G 72 9.14 -6.59 -22.91
C GLN G 72 9.07 -5.11 -23.19
N PRO G 73 9.16 -4.30 -22.15
CA PRO G 73 9.09 -2.86 -22.32
C PRO G 73 10.02 -2.25 -23.34
N GLU G 74 10.88 -3.06 -23.95
CA GLU G 74 11.80 -2.53 -24.96
C GLU G 74 11.05 -2.39 -26.28
N ALA G 75 10.45 -3.50 -26.70
CA ALA G 75 9.72 -3.53 -27.94
C ALA G 75 8.28 -3.06 -27.76
N ILE G 76 8.01 -2.31 -26.70
CA ILE G 76 6.63 -1.85 -26.52
C ILE G 76 6.21 -0.93 -27.65
N GLU G 77 7.10 -0.03 -28.03
CA GLU G 77 6.83 0.91 -29.10
C GLU G 77 6.53 0.17 -30.38
N GLU G 78 6.72 -1.15 -30.37
CA GLU G 78 6.43 -1.93 -31.56
C GLU G 78 4.99 -2.42 -31.61
N PHE G 79 4.44 -2.85 -30.47
CA PHE G 79 3.05 -3.34 -30.36
C PHE G 79 2.06 -2.24 -30.67
N PRO G 80 1.03 -2.58 -31.43
CA PRO G 80 -0.01 -1.62 -31.82
C PRO G 80 -0.92 -1.23 -30.69
N VAL G 81 -1.13 0.08 -30.59
CA VAL G 81 -2.02 0.64 -29.58
C VAL G 81 -3.44 0.33 -30.04
N PRO G 82 -4.30 -0.15 -29.13
CA PRO G 82 -5.68 -0.45 -29.51
C PRO G 82 -6.48 0.81 -29.81
N ALA G 83 -7.56 0.66 -30.58
CA ALA G 83 -8.42 1.78 -30.91
C ALA G 83 -9.25 2.07 -29.67
N LEU G 84 -9.43 3.33 -29.32
CA LEU G 84 -10.21 3.62 -28.13
C LEU G 84 -11.62 4.00 -28.49
N HIS G 85 -12.60 3.40 -27.83
CA HIS G 85 -13.98 3.74 -28.12
C HIS G 85 -14.80 4.24 -26.92
N HIS G 86 -14.12 4.59 -25.85
CA HIS G 86 -14.81 5.11 -24.68
C HIS G 86 -15.28 6.53 -25.04
N PRO G 87 -16.52 6.90 -24.67
CA PRO G 87 -17.10 8.22 -24.95
C PRO G 87 -16.21 9.46 -24.86
N VAL G 88 -15.20 9.44 -24.00
CA VAL G 88 -14.30 10.60 -23.87
C VAL G 88 -13.47 10.68 -25.13
N PHE G 89 -13.35 9.54 -25.80
CA PHE G 89 -12.60 9.39 -27.03
C PHE G 89 -13.51 9.36 -28.24
N GLN G 90 -14.60 10.12 -28.17
CA GLN G 90 -15.56 10.18 -29.24
C GLN G 90 -15.79 11.63 -29.61
N GLN G 91 -15.07 12.52 -28.94
CA GLN G 91 -15.20 13.92 -29.22
C GLN G 91 -14.22 14.77 -28.46
N GLU G 92 -13.74 15.83 -29.08
CA GLU G 92 -12.77 16.72 -28.45
C GLU G 92 -13.17 17.30 -27.11
N SER G 93 -12.32 17.06 -26.11
CA SER G 93 -12.51 17.55 -24.74
C SER G 93 -11.13 17.77 -24.15
N PHE G 94 -10.97 18.85 -23.39
CA PHE G 94 -9.67 19.12 -22.75
C PHE G 94 -9.10 17.81 -22.22
N THR G 95 -9.95 17.03 -21.57
CA THR G 95 -9.57 15.75 -21.03
C THR G 95 -9.04 14.82 -22.13
N ARG G 96 -9.63 14.91 -23.31
CA ARG G 96 -9.17 14.07 -24.40
C ARG G 96 -7.84 14.55 -24.94
N GLN G 97 -7.70 15.87 -25.03
CA GLN G 97 -6.48 16.51 -25.51
C GLN G 97 -5.33 16.06 -24.64
N VAL G 98 -5.53 16.15 -23.32
CA VAL G 98 -4.54 15.74 -22.35
C VAL G 98 -4.16 14.27 -22.54
N LEU G 99 -5.11 13.36 -22.30
CA LEU G 99 -4.84 11.94 -22.45
C LEU G 99 -4.11 11.63 -23.75
N TRP G 100 -4.45 12.34 -24.83
CA TRP G 100 -3.79 12.10 -26.09
C TRP G 100 -2.35 12.56 -25.97
N LYS G 101 -2.14 13.85 -25.69
CA LYS G 101 -0.80 14.41 -25.54
C LYS G 101 0.05 13.49 -24.67
N LEU G 102 -0.44 13.22 -23.46
CA LEU G 102 0.26 12.35 -22.55
C LEU G 102 0.73 11.07 -23.23
N LEU G 103 -0.17 10.34 -23.86
CA LEU G 103 0.22 9.09 -24.54
C LEU G 103 1.28 9.29 -25.60
N LYS G 104 1.08 10.29 -26.46
CA LYS G 104 2.04 10.52 -27.51
C LYS G 104 3.37 11.09 -27.04
N VAL G 105 3.38 12.03 -26.11
CA VAL G 105 4.66 12.60 -25.66
C VAL G 105 5.47 11.80 -24.62
N VAL G 106 4.98 11.74 -23.38
CA VAL G 106 5.65 11.04 -22.28
C VAL G 106 5.79 9.52 -22.44
N LYS G 107 6.93 9.04 -22.91
CA LYS G 107 7.14 7.60 -23.13
C LYS G 107 7.62 6.85 -21.89
N PHE G 108 7.93 5.57 -22.06
CA PHE G 108 8.38 4.71 -20.96
C PHE G 108 9.48 5.32 -20.10
N GLY G 109 9.49 4.95 -18.84
CA GLY G 109 10.48 5.46 -17.92
C GLY G 109 10.50 6.96 -17.68
N GLU G 110 9.78 7.73 -18.48
CA GLU G 110 9.78 9.17 -18.29
C GLU G 110 8.69 9.55 -17.31
N VAL G 111 8.63 10.83 -16.97
CA VAL G 111 7.59 11.33 -16.08
C VAL G 111 7.43 12.80 -16.41
N ILE G 112 6.29 13.37 -16.03
CA ILE G 112 5.99 14.77 -16.28
C ILE G 112 5.11 15.28 -15.14
N SER G 113 5.12 16.59 -14.91
CA SER G 113 4.31 17.11 -13.83
C SER G 113 2.97 17.53 -14.40
N TYR G 114 1.96 17.53 -13.54
CA TYR G 114 0.62 17.91 -13.95
C TYR G 114 0.67 19.17 -14.79
N GLN G 115 1.22 20.23 -14.22
CA GLN G 115 1.30 21.47 -14.95
C GLN G 115 2.08 21.41 -16.26
N GLN G 116 3.10 20.58 -16.30
CA GLN G 116 3.89 20.47 -17.53
C GLN G 116 3.00 19.94 -18.63
N LEU G 117 2.23 18.92 -18.29
CA LEU G 117 1.32 18.30 -19.22
C LEU G 117 0.27 19.32 -19.58
N ALA G 118 -0.24 20.00 -18.56
CA ALA G 118 -1.26 21.03 -18.75
C ALA G 118 -0.85 21.97 -19.88
N ALA G 119 0.28 22.63 -19.69
CA ALA G 119 0.78 23.56 -20.70
C ALA G 119 0.93 22.79 -21.98
N LEU G 120 1.63 21.66 -21.89
CA LEU G 120 1.88 20.80 -23.02
C LEU G 120 0.62 20.50 -23.83
N ALA G 121 -0.50 20.47 -23.14
CA ALA G 121 -1.76 20.17 -23.79
C ALA G 121 -2.34 21.41 -24.45
N GLY G 122 -1.87 22.58 -24.01
CA GLY G 122 -2.36 23.83 -24.56
C GLY G 122 -2.63 24.80 -23.43
N ASN G 123 -3.37 24.36 -22.43
CA ASN G 123 -3.67 25.23 -21.30
C ASN G 123 -2.67 25.08 -20.17
N PRO G 124 -1.81 26.08 -19.98
CA PRO G 124 -0.77 26.10 -18.94
C PRO G 124 -1.28 26.26 -17.50
N LYS G 125 -2.44 26.91 -17.36
CA LYS G 125 -3.04 27.17 -16.05
C LYS G 125 -4.01 26.09 -15.64
N ALA G 126 -4.08 25.03 -16.45
CA ALA G 126 -4.99 23.93 -16.17
C ALA G 126 -4.28 22.77 -15.51
N ALA G 127 -3.26 23.08 -14.70
CA ALA G 127 -2.50 22.04 -14.02
C ALA G 127 -3.38 21.13 -13.17
N ARG G 128 -4.32 21.73 -12.43
CA ARG G 128 -5.20 20.95 -11.56
C ARG G 128 -6.25 20.18 -12.35
N ALA G 129 -6.69 20.77 -13.45
CA ALA G 129 -7.67 20.11 -14.30
C ALA G 129 -7.06 18.81 -14.81
N VAL G 130 -5.79 18.87 -15.22
CA VAL G 130 -5.06 17.71 -15.70
C VAL G 130 -5.13 16.59 -14.69
N GLY G 131 -5.11 16.96 -13.41
CA GLY G 131 -5.21 15.97 -12.35
C GLY G 131 -6.54 15.25 -12.48
N GLY G 132 -7.58 16.02 -12.81
CA GLY G 132 -8.89 15.44 -12.98
C GLY G 132 -8.85 14.49 -14.16
N ALA G 133 -8.29 14.97 -15.27
CA ALA G 133 -8.16 14.20 -16.50
C ALA G 133 -7.52 12.86 -16.19
N MET G 134 -6.60 12.86 -15.24
CA MET G 134 -5.90 11.65 -14.83
C MET G 134 -6.86 10.72 -14.09
N ARG G 135 -7.68 11.31 -13.23
CA ARG G 135 -8.65 10.56 -12.47
C ARG G 135 -9.62 9.95 -13.46
N GLY G 136 -9.89 10.74 -14.51
CA GLY G 136 -10.80 10.31 -15.55
C GLY G 136 -10.32 9.32 -16.58
N ASN G 137 -9.03 9.05 -16.66
CA ASN G 137 -8.53 8.12 -17.65
C ASN G 137 -9.22 6.76 -17.53
N PRO G 138 -9.84 6.30 -18.62
CA PRO G 138 -10.55 5.02 -18.67
C PRO G 138 -9.67 3.86 -19.00
N VAL G 139 -8.50 4.17 -19.55
CA VAL G 139 -7.54 3.14 -19.93
C VAL G 139 -6.19 3.43 -19.29
N PRO G 140 -6.05 3.11 -17.99
CA PRO G 140 -4.79 3.35 -17.30
C PRO G 140 -3.73 2.39 -17.81
N ILE G 141 -2.47 2.67 -17.51
CA ILE G 141 -1.34 1.85 -17.94
C ILE G 141 -1.10 2.03 -19.44
N LEU G 142 -2.17 1.94 -20.22
CA LEU G 142 -2.04 2.12 -21.65
C LEU G 142 -1.75 3.59 -21.78
N ILE G 143 -2.61 4.39 -21.18
CA ILE G 143 -2.41 5.83 -21.20
C ILE G 143 -1.79 6.09 -19.84
N PRO G 144 -0.44 6.21 -19.82
CA PRO G 144 0.37 6.45 -18.62
C PRO G 144 -0.03 7.64 -17.80
N CYS G 145 -1.06 7.51 -16.98
CA CYS G 145 -1.46 8.62 -16.13
C CYS G 145 -0.66 8.46 -14.84
N HIS G 146 0.16 7.41 -14.79
CA HIS G 146 0.99 7.16 -13.62
C HIS G 146 2.29 7.94 -13.78
N ARG G 147 2.66 8.20 -15.02
CA ARG G 147 3.87 8.94 -15.31
C ARG G 147 3.69 10.43 -15.04
N VAL G 148 2.55 10.81 -14.49
CA VAL G 148 2.31 12.22 -14.21
C VAL G 148 2.42 12.46 -12.71
N VAL G 149 3.43 13.22 -12.33
CA VAL G 149 3.71 13.52 -10.93
C VAL G 149 3.61 15.00 -10.59
N CYS G 150 3.86 15.32 -9.32
CA CYS G 150 3.81 16.70 -8.85
C CYS G 150 5.07 17.47 -9.24
N SER G 151 4.94 18.77 -9.49
CA SER G 151 6.10 19.58 -9.91
C SER G 151 7.07 19.74 -8.73
N SER G 152 6.77 19.00 -7.67
CA SER G 152 7.55 18.98 -6.45
C SER G 152 8.30 17.65 -6.43
N GLY G 153 8.18 16.91 -7.53
CA GLY G 153 8.84 15.61 -7.62
C GLY G 153 8.04 14.54 -6.90
N ALA G 154 7.27 14.96 -5.90
CA ALA G 154 6.44 14.06 -5.12
C ALA G 154 5.66 13.15 -6.07
N VAL G 155 5.22 12.01 -5.57
CA VAL G 155 4.47 11.06 -6.40
C VAL G 155 2.95 11.30 -6.29
N GLY G 161 -5.11 3.22 -4.02
CA GLY G 161 -4.33 2.40 -4.94
C GLY G 161 -2.98 3.04 -5.28
N LEU G 162 -2.47 3.85 -4.35
CA LEU G 162 -1.19 4.53 -4.54
C LEU G 162 -0.10 3.52 -4.80
N ALA G 163 -0.27 2.34 -4.20
CA ALA G 163 0.68 1.24 -4.33
C ALA G 163 1.00 1.01 -5.80
N VAL G 164 -0.06 0.86 -6.58
CA VAL G 164 0.06 0.62 -8.01
C VAL G 164 0.80 1.71 -8.77
N LYS G 165 0.52 2.98 -8.50
CA LYS G 165 1.25 4.00 -9.21
C LYS G 165 2.71 3.78 -8.96
N GLU G 166 3.03 3.57 -7.69
CA GLU G 166 4.40 3.35 -7.29
C GLU G 166 4.96 2.08 -7.88
N TRP G 167 4.13 1.06 -8.05
CA TRP G 167 4.61 -0.19 -8.62
C TRP G 167 4.93 0.00 -10.09
N LEU G 168 4.09 0.76 -10.78
CA LEU G 168 4.30 1.01 -12.20
C LEU G 168 5.55 1.83 -12.36
N LEU G 169 5.72 2.84 -11.52
CA LEU G 169 6.91 3.69 -11.59
C LEU G 169 8.19 2.90 -11.30
N ALA G 170 8.12 2.01 -10.32
CA ALA G 170 9.25 1.16 -9.97
C ALA G 170 9.57 0.28 -11.16
N HIS G 171 8.52 -0.30 -11.75
CA HIS G 171 8.66 -1.15 -12.93
C HIS G 171 9.34 -0.35 -14.04
N GLU G 172 9.22 0.98 -13.98
CA GLU G 172 9.83 1.84 -14.98
C GLU G 172 11.08 2.49 -14.37
N GLY G 173 11.67 1.76 -13.44
CA GLY G 173 12.89 2.16 -12.77
C GLY G 173 13.03 3.42 -11.93
N HIS G 174 11.98 3.89 -11.26
CA HIS G 174 12.18 5.10 -10.48
C HIS G 174 12.56 4.86 -9.03
N ARG G 175 13.25 5.83 -8.45
CA ARG G 175 13.66 5.73 -7.07
C ARG G 175 12.44 5.86 -6.20
N LEU G 176 12.65 5.97 -4.90
CA LEU G 176 11.55 6.13 -3.96
C LEU G 176 11.44 7.62 -3.66
N GLY G 177 11.18 7.99 -2.40
CA GLY G 177 11.07 9.40 -2.03
C GLY G 177 10.50 10.33 -3.10
ZN ZN H . 35.71 -9.48 8.21
ZN ZN I . -3.27 7.83 23.29
ZN ZN J . -17.90 0.97 -28.56
#